data_9JND
#
_entry.id   9JND
#
_cell.length_a   71.708
_cell.length_b   51.828
_cell.length_c   77.192
_cell.angle_alpha   90
_cell.angle_beta   114.235
_cell.angle_gamma   90
#
_symmetry.space_group_name_H-M   'P 1 21 1'
#
loop_
_entity.id
_entity.type
_entity.pdbx_description
1 polymer beta-lactamase
2 non-polymer 'TETRAETHYLENE GLYCOL'
3 non-polymer 'CHLORIDE ION'
4 non-polymer DI(HYDROXYETHYL)ETHER
5 water water
#
_entity_poly.entity_id   1
_entity_poly.type   'polypeptide(L)'
_entity_poly.pdbx_seq_one_letter_code
;MGNKSDAAAKQIKKLEEDFDGRIGVFAIDTGSGNTFGYRSDERFPLCSSFKGFLAAAVLERVQQKKLDINQKVKYESRDL
EYHSPITTKYKGSGMTLGDMASAALQYSDNGATNIIMERFLGGPEGMTKFMRSIGDNEFRLDRWALELNTAIPGDKRDTS
TPKAVANSLNKLALGNVLNAKVKAIYQNWLKGNTTGDARIRASVPADWVVGDKTGSCGAYGTANDYAVIWPKNRAPLIVS
IYTTRKSKDDKHSDKTIAEASRIAIQAIDHHHHHH
;
_entity_poly.pdbx_strand_id   A,B
#
loop_
_chem_comp.id
_chem_comp.type
_chem_comp.name
_chem_comp.formula
CL non-polymer 'CHLORIDE ION' 'Cl -1'
PEG non-polymer DI(HYDROXYETHYL)ETHER 'C4 H10 O3'
PG4 non-polymer 'TETRAETHYLENE GLYCOL' 'C8 H18 O5'
#
# COMPACT_ATOMS: atom_id res chain seq x y z
N ASN A 3 -13.79 -30.67 -24.76
CA ASN A 3 -15.16 -30.81 -24.17
C ASN A 3 -15.32 -29.88 -22.96
N LYS A 4 -14.24 -29.63 -22.20
CA LYS A 4 -14.29 -28.76 -21.02
C LYS A 4 -14.36 -27.30 -21.49
N SER A 5 -13.67 -27.03 -22.60
CA SER A 5 -13.69 -25.77 -23.29
C SER A 5 -15.09 -25.47 -23.85
N ASP A 6 -15.71 -26.48 -24.48
CA ASP A 6 -17.01 -26.34 -25.15
C ASP A 6 -18.14 -26.17 -24.13
N ALA A 7 -17.99 -26.73 -22.93
CA ALA A 7 -18.99 -26.58 -21.89
C ALA A 7 -18.95 -25.15 -21.34
N ALA A 8 -17.74 -24.61 -21.17
CA ALA A 8 -17.60 -23.24 -20.70
C ALA A 8 -18.15 -22.27 -21.74
N ALA A 9 -17.93 -22.58 -23.02
CA ALA A 9 -18.44 -21.76 -24.10
C ALA A 9 -19.97 -21.75 -24.09
N LYS A 10 -20.61 -22.92 -23.92
CA LYS A 10 -22.05 -23.00 -23.78
C LYS A 10 -22.55 -22.10 -22.64
N GLN A 11 -21.84 -22.08 -21.51
CA GLN A 11 -22.31 -21.29 -20.36
C GLN A 11 -22.11 -19.78 -20.54
N ILE A 12 -21.02 -19.37 -21.21
CA ILE A 12 -20.84 -17.94 -21.46
C ILE A 12 -21.91 -17.46 -22.45
N LYS A 13 -22.15 -18.26 -23.50
CA LYS A 13 -23.15 -17.91 -24.51
C LYS A 13 -24.52 -17.69 -23.84
N LYS A 14 -24.87 -18.58 -22.91
CA LYS A 14 -26.16 -18.51 -22.28
C LYS A 14 -26.23 -17.24 -21.41
N LEU A 15 -25.14 -16.97 -20.67
CA LEU A 15 -25.08 -15.82 -19.79
C LEU A 15 -25.22 -14.52 -20.60
N GLU A 16 -24.58 -14.48 -21.79
CA GLU A 16 -24.66 -13.29 -22.61
C GLU A 16 -26.07 -13.12 -23.17
N GLU A 17 -26.77 -14.24 -23.44
CA GLU A 17 -28.14 -14.13 -23.92
C GLU A 17 -29.11 -13.73 -22.81
N ASP A 18 -28.84 -14.17 -21.58
CA ASP A 18 -29.72 -13.93 -20.44
C ASP A 18 -29.86 -12.43 -20.14
N PHE A 19 -28.79 -11.63 -20.35
CA PHE A 19 -28.84 -10.21 -20.06
C PHE A 19 -28.76 -9.41 -21.36
N ASP A 20 -28.89 -10.11 -22.49
CA ASP A 20 -29.06 -9.50 -23.80
C ASP A 20 -27.83 -8.64 -24.14
N GLY A 21 -26.65 -9.26 -24.11
CA GLY A 21 -25.43 -8.53 -24.40
C GLY A 21 -24.34 -9.44 -24.95
N ARG A 22 -23.10 -9.04 -24.65
CA ARG A 22 -21.95 -9.68 -25.25
C ARG A 22 -20.85 -9.83 -24.20
N ILE A 23 -20.37 -11.06 -24.00
CA ILE A 23 -19.29 -11.30 -23.06
C ILE A 23 -18.05 -11.81 -23.79
N GLY A 24 -16.90 -11.19 -23.49
CA GLY A 24 -15.64 -11.66 -24.02
C GLY A 24 -14.70 -12.01 -22.87
N VAL A 25 -14.04 -13.18 -22.99
CA VAL A 25 -13.28 -13.75 -21.89
C VAL A 25 -11.96 -14.30 -22.43
N PHE A 26 -10.90 -14.10 -21.64
CA PHE A 26 -9.66 -14.83 -21.82
C PHE A 26 -9.05 -15.09 -20.45
N ALA A 27 -8.67 -16.35 -20.21
CA ALA A 27 -8.09 -16.76 -18.95
C ALA A 27 -6.90 -17.67 -19.19
N ILE A 28 -5.86 -17.50 -18.38
CA ILE A 28 -4.61 -18.22 -18.51
C ILE A 28 -4.28 -18.82 -17.14
N ASP A 29 -3.98 -20.12 -17.11
CA ASP A 29 -3.27 -20.73 -15.99
C ASP A 29 -1.78 -20.66 -16.32
N THR A 30 -1.06 -19.76 -15.62
CA THR A 30 0.33 -19.47 -15.95
C THR A 30 1.23 -20.65 -15.58
N GLY A 31 0.69 -21.68 -14.90
CA GLY A 31 1.49 -22.82 -14.47
C GLY A 31 1.46 -23.97 -15.48
N SER A 32 0.30 -24.21 -16.07
CA SER A 32 0.11 -25.24 -17.07
C SER A 32 0.20 -24.65 -18.48
N GLY A 33 -0.07 -23.36 -18.61
CA GLY A 33 -0.22 -22.76 -19.93
C GLY A 33 -1.62 -22.94 -20.50
N ASN A 34 -2.54 -23.60 -19.76
CA ASN A 34 -3.90 -23.85 -20.24
C ASN A 34 -4.65 -22.53 -20.37
N THR A 35 -5.46 -22.42 -21.43
CA THR A 35 -6.16 -21.17 -21.69
C THR A 35 -7.63 -21.46 -21.99
N PHE A 36 -8.46 -20.46 -21.74
CA PHE A 36 -9.85 -20.47 -22.15
C PHE A 36 -10.19 -19.11 -22.76
N GLY A 37 -10.83 -19.16 -23.93
CA GLY A 37 -11.24 -17.96 -24.63
C GLY A 37 -12.70 -18.04 -25.11
N TYR A 38 -13.39 -16.91 -25.05
CA TYR A 38 -14.72 -16.79 -25.66
C TYR A 38 -14.82 -15.36 -26.16
N ARG A 39 -15.05 -15.23 -27.48
CA ARG A 39 -14.99 -13.96 -28.19
C ARG A 39 -13.70 -13.23 -27.80
N SER A 40 -12.60 -13.98 -27.68
CA SER A 40 -11.39 -13.43 -27.08
C SER A 40 -10.62 -12.54 -28.06
N ASP A 41 -11.02 -12.57 -29.34
CA ASP A 41 -10.41 -11.78 -30.39
C ASP A 41 -11.32 -10.61 -30.83
N GLU A 42 -12.52 -10.50 -30.23
CA GLU A 42 -13.40 -9.41 -30.57
C GLU A 42 -13.03 -8.16 -29.77
N ARG A 43 -13.37 -6.99 -30.33
CA ARG A 43 -13.05 -5.71 -29.72
C ARG A 43 -14.11 -5.35 -28.68
N PHE A 44 -13.65 -4.79 -27.57
CA PHE A 44 -14.52 -4.25 -26.52
C PHE A 44 -13.94 -2.92 -26.04
N PRO A 45 -14.79 -1.94 -25.63
CA PRO A 45 -14.29 -0.71 -25.02
C PRO A 45 -13.48 -1.02 -23.76
N LEU A 46 -12.35 -0.32 -23.60
CA LEU A 46 -11.48 -0.43 -22.44
C LEU A 46 -12.12 0.25 -21.23
N CYS A 47 -12.84 1.34 -21.47
CA CYS A 47 -13.22 2.26 -20.41
C CYS A 47 -11.98 2.58 -19.58
N SER A 48 -12.16 2.80 -18.29
CA SER A 48 -11.09 3.06 -17.34
C SER A 48 -10.08 1.92 -17.18
N SER A 49 -10.34 0.74 -17.79
CA SER A 49 -9.44 -0.38 -17.53
C SER A 49 -8.01 -0.06 -18.01
N PHE A 50 -7.89 0.83 -18.98
CA PHE A 50 -6.58 1.15 -19.53
C PHE A 50 -5.70 1.79 -18.45
N LYS A 51 -6.35 2.36 -17.42
CA LYS A 51 -5.63 3.07 -16.37
C LYS A 51 -4.60 2.16 -15.69
N GLY A 52 -4.90 0.87 -15.60
CA GLY A 52 -3.96 -0.08 -15.02
C GLY A 52 -2.70 -0.25 -15.88
N PHE A 53 -2.78 -0.02 -17.19
CA PHE A 53 -1.60 -0.14 -18.01
C PHE A 53 -0.82 1.17 -17.98
N LEU A 54 -1.53 2.28 -17.80
CA LEU A 54 -0.91 3.58 -17.69
C LEU A 54 0.02 3.60 -16.48
N ALA A 55 -0.41 2.95 -15.39
CA ALA A 55 0.40 2.90 -14.18
C ALA A 55 1.67 2.06 -14.41
N ALA A 56 1.57 1.03 -15.28
CA ALA A 56 2.73 0.23 -15.62
C ALA A 56 3.70 1.03 -16.50
N ALA A 57 3.15 1.79 -17.45
CA ALA A 57 3.94 2.67 -18.30
C ALA A 57 4.78 3.64 -17.46
N VAL A 58 4.17 4.22 -16.43
CA VAL A 58 4.88 5.11 -15.51
C VAL A 58 6.01 4.35 -14.82
N LEU A 59 5.72 3.13 -14.35
CA LEU A 59 6.73 2.36 -13.64
C LEU A 59 7.87 1.98 -14.57
N GLU A 60 7.59 1.71 -15.85
CA GLU A 60 8.65 1.44 -16.81
C GLU A 60 9.60 2.65 -16.92
N ARG A 61 9.01 3.86 -16.94
CA ARG A 61 9.80 5.08 -17.02
C ARG A 61 10.69 5.22 -15.79
N VAL A 62 10.13 4.93 -14.61
CA VAL A 62 10.83 4.99 -13.34
C VAL A 62 12.02 4.03 -13.36
N GLN A 63 11.81 2.83 -13.91
CA GLN A 63 12.83 1.81 -13.97
C GLN A 63 13.96 2.27 -14.89
N GLN A 64 13.61 2.94 -15.99
CA GLN A 64 14.61 3.44 -16.94
C GLN A 64 15.28 4.74 -16.46
N LYS A 65 14.88 5.23 -15.28
CA LYS A 65 15.45 6.41 -14.65
C LYS A 65 15.10 7.67 -15.45
N LYS A 66 14.03 7.61 -16.24
CA LYS A 66 13.56 8.77 -16.98
C LYS A 66 12.64 9.60 -16.07
N LEU A 67 12.10 8.96 -15.03
CA LEU A 67 11.29 9.64 -14.03
C LEU A 67 11.66 9.07 -12.67
N ASP A 68 11.40 9.85 -11.62
CA ASP A 68 11.64 9.46 -10.24
C ASP A 68 10.28 9.24 -9.59
N ILE A 69 10.14 8.14 -8.87
CA ILE A 69 8.86 7.75 -8.29
C ILE A 69 8.44 8.74 -7.19
N ASN A 70 9.37 9.55 -6.66
CA ASN A 70 9.08 10.47 -5.57
C ASN A 70 8.99 11.94 -6.02
N GLN A 71 9.18 12.22 -7.32
CA GLN A 71 9.13 13.60 -7.80
C GLN A 71 7.73 14.16 -7.53
N LYS A 72 7.67 15.41 -7.05
CA LYS A 72 6.41 16.07 -6.75
CA LYS A 72 6.42 16.09 -6.74
C LYS A 72 5.73 16.46 -8.06
N VAL A 73 4.45 16.09 -8.18
CA VAL A 73 3.66 16.50 -9.32
C VAL A 73 2.65 17.53 -8.83
N LYS A 74 2.77 18.76 -9.34
CA LYS A 74 1.96 19.89 -8.91
CA LYS A 74 1.97 19.90 -8.90
C LYS A 74 0.91 20.22 -9.96
N TYR A 75 -0.27 20.69 -9.51
CA TYR A 75 -1.40 20.93 -10.38
C TYR A 75 -2.38 21.88 -9.70
N GLU A 76 -1.84 22.90 -9.02
CA GLU A 76 -2.58 23.75 -8.11
C GLU A 76 -3.63 24.59 -8.85
N SER A 77 -3.47 24.77 -10.16
CA SER A 77 -4.34 25.66 -10.92
C SER A 77 -5.28 24.86 -11.83
N ARG A 78 -5.16 23.53 -11.79
CA ARG A 78 -5.86 22.66 -12.72
C ARG A 78 -7.33 22.58 -12.33
N ASP A 79 -8.19 22.64 -13.36
CA ASP A 79 -9.59 22.32 -13.17
C ASP A 79 -9.73 20.81 -13.32
N LEU A 80 -9.85 20.11 -12.18
CA LEU A 80 -9.84 18.66 -12.14
C LEU A 80 -11.08 18.09 -12.82
N GLU A 81 -10.85 17.08 -13.67
CA GLU A 81 -11.91 16.28 -14.29
C GLU A 81 -12.84 15.73 -13.21
N TYR A 82 -14.10 15.51 -13.58
CA TYR A 82 -15.00 14.70 -12.79
C TYR A 82 -14.33 13.37 -12.46
N HIS A 83 -14.68 12.86 -11.26
CA HIS A 83 -14.21 11.61 -10.68
C HIS A 83 -12.69 11.68 -10.49
N SER A 84 -12.29 12.61 -9.62
CA SER A 84 -10.91 12.79 -9.21
C SER A 84 -10.86 12.77 -7.69
N PRO A 85 -11.33 11.70 -7.02
CA PRO A 85 -11.48 11.73 -5.56
C PRO A 85 -10.13 11.87 -4.88
N ILE A 86 -9.05 11.35 -5.50
CA ILE A 86 -7.76 11.38 -4.83
C ILE A 86 -7.02 12.68 -5.15
N THR A 87 -6.93 13.03 -6.45
CA THR A 87 -6.21 14.24 -6.81
C THR A 87 -6.90 15.48 -6.24
N THR A 88 -8.23 15.45 -6.04
CA THR A 88 -8.86 16.62 -5.47
C THR A 88 -8.40 16.85 -4.03
N LYS A 89 -8.07 15.80 -3.26
CA LYS A 89 -7.67 16.04 -1.88
C LYS A 89 -6.27 16.65 -1.77
N TYR A 90 -5.42 16.47 -2.80
CA TYR A 90 -4.03 16.88 -2.65
C TYR A 90 -3.70 18.05 -3.58
N LYS A 91 -4.75 18.69 -4.11
CA LYS A 91 -4.54 19.76 -5.05
C LYS A 91 -3.63 20.83 -4.46
N GLY A 92 -3.79 21.10 -3.15
CA GLY A 92 -3.03 22.14 -2.47
C GLY A 92 -1.53 21.82 -2.43
N SER A 93 -1.17 20.54 -2.22
CA SER A 93 0.19 20.21 -1.88
C SER A 93 0.91 19.45 -3.00
N GLY A 94 0.16 18.91 -3.97
CA GLY A 94 0.71 18.03 -5.00
C GLY A 94 0.78 16.58 -4.53
N MET A 95 1.19 15.69 -5.43
CA MET A 95 1.37 14.28 -5.10
C MET A 95 2.68 13.79 -5.73
N THR A 96 3.31 12.80 -5.08
CA THR A 96 4.43 12.11 -5.71
C THR A 96 3.91 11.41 -6.96
N LEU A 97 4.77 11.25 -7.96
CA LEU A 97 4.42 10.56 -9.19
C LEU A 97 3.88 9.15 -8.89
N GLY A 98 4.50 8.46 -7.91
CA GLY A 98 4.06 7.14 -7.46
C GLY A 98 2.61 7.15 -6.98
N ASP A 99 2.32 8.03 -6.02
CA ASP A 99 0.98 8.10 -5.47
C ASP A 99 -0.03 8.49 -6.55
N MET A 100 0.41 9.31 -7.52
CA MET A 100 -0.53 9.77 -8.51
C MET A 100 -0.90 8.63 -9.46
N ALA A 101 0.10 7.85 -9.88
CA ALA A 101 -0.08 6.70 -10.77
C ALA A 101 -0.96 5.64 -10.12
N SER A 102 -0.71 5.35 -8.83
CA SER A 102 -1.50 4.31 -8.16
C SER A 102 -2.94 4.78 -7.94
N ALA A 103 -3.14 6.07 -7.67
CA ALA A 103 -4.49 6.62 -7.59
C ALA A 103 -5.24 6.42 -8.89
N ALA A 104 -4.56 6.60 -10.04
CA ALA A 104 -5.18 6.39 -11.34
C ALA A 104 -5.68 4.95 -11.46
N LEU A 105 -4.91 4.03 -10.89
CA LEU A 105 -5.21 2.60 -10.93
C LEU A 105 -6.26 2.29 -9.86
N GLN A 106 -5.98 2.64 -8.60
CA GLN A 106 -6.75 2.12 -7.48
C GLN A 106 -8.10 2.81 -7.33
N TYR A 107 -8.18 4.08 -7.74
CA TYR A 107 -9.44 4.80 -7.59
C TYR A 107 -9.99 5.24 -8.94
N SER A 108 -9.27 4.89 -10.02
CA SER A 108 -9.69 5.24 -11.35
C SER A 108 -9.71 6.76 -11.52
N ASP A 109 -8.81 7.47 -10.78
CA ASP A 109 -8.79 8.93 -10.72
C ASP A 109 -8.49 9.55 -12.08
N ASN A 110 -9.42 10.37 -12.59
CA ASN A 110 -9.31 10.92 -13.93
C ASN A 110 -8.26 12.05 -13.99
N GLY A 111 -8.17 12.86 -12.93
CA GLY A 111 -7.16 13.90 -12.89
C GLY A 111 -5.76 13.27 -12.98
N ALA A 112 -5.54 12.21 -12.18
CA ALA A 112 -4.27 11.51 -12.14
C ALA A 112 -3.98 10.98 -13.53
N THR A 113 -5.00 10.38 -14.15
CA THR A 113 -4.88 9.81 -15.48
C THR A 113 -4.38 10.87 -16.45
N ASN A 114 -5.10 12.01 -16.56
CA ASN A 114 -4.88 12.98 -17.63
C ASN A 114 -3.60 13.77 -17.41
N ILE A 115 -3.30 14.10 -16.15
CA ILE A 115 -2.05 14.76 -15.80
C ILE A 115 -0.90 13.89 -16.30
N ILE A 116 -0.96 12.58 -15.98
CA ILE A 116 0.12 11.68 -16.32
C ILE A 116 0.25 11.52 -17.85
N MET A 117 -0.88 11.41 -18.56
CA MET A 117 -0.81 11.26 -20.01
C MET A 117 -0.32 12.54 -20.68
N GLU A 118 -0.63 13.71 -20.10
CA GLU A 118 -0.21 14.93 -20.78
C GLU A 118 1.26 15.25 -20.51
N ARG A 119 1.81 14.85 -19.35
CA ARG A 119 3.13 15.32 -18.96
C ARG A 119 4.21 14.25 -19.13
N PHE A 120 3.84 12.97 -18.99
CA PHE A 120 4.84 11.92 -18.86
C PHE A 120 4.75 10.89 -19.98
N LEU A 121 3.56 10.66 -20.53
CA LEU A 121 3.34 9.48 -21.35
C LEU A 121 3.12 9.82 -22.83
N GLY A 122 3.03 11.10 -23.17
CA GLY A 122 2.79 11.51 -24.55
C GLY A 122 1.36 11.24 -25.02
N GLY A 123 0.37 11.41 -24.13
CA GLY A 123 -1.04 11.38 -24.50
C GLY A 123 -1.57 9.97 -24.84
N PRO A 124 -2.78 9.88 -25.41
CA PRO A 124 -3.29 8.62 -25.95
C PRO A 124 -2.41 7.86 -26.96
N GLU A 125 -1.78 8.59 -27.90
CA GLU A 125 -0.88 7.99 -28.85
C GLU A 125 0.31 7.36 -28.10
N GLY A 126 0.79 8.08 -27.05
CA GLY A 126 1.91 7.64 -26.24
C GLY A 126 1.59 6.37 -25.46
N MET A 127 0.38 6.33 -24.89
CA MET A 127 -0.13 5.17 -24.16
C MET A 127 -0.19 3.96 -25.10
N THR A 128 -0.69 4.18 -26.32
CA THR A 128 -0.76 3.14 -27.35
C THR A 128 0.65 2.66 -27.69
N LYS A 129 1.61 3.59 -27.75
CA LYS A 129 2.98 3.26 -28.17
C LYS A 129 3.58 2.31 -27.13
N PHE A 130 3.35 2.61 -25.85
CA PHE A 130 3.82 1.78 -24.75
C PHE A 130 3.32 0.33 -24.91
N MET A 131 2.06 0.17 -25.29
CA MET A 131 1.46 -1.14 -25.44
C MET A 131 2.05 -1.85 -26.66
N ARG A 132 2.27 -1.13 -27.78
CA ARG A 132 2.96 -1.70 -28.92
C ARG A 132 4.34 -2.22 -28.49
N SER A 133 5.04 -1.45 -27.64
CA SER A 133 6.39 -1.77 -27.17
C SER A 133 6.44 -3.06 -26.34
N ILE A 134 5.31 -3.54 -25.80
CA ILE A 134 5.35 -4.81 -25.09
C ILE A 134 4.81 -5.92 -25.99
N GLY A 135 4.53 -5.59 -27.26
CA GLY A 135 4.09 -6.57 -28.25
C GLY A 135 2.57 -6.74 -28.26
N ASP A 136 1.84 -5.73 -27.74
CA ASP A 136 0.39 -5.74 -27.82
C ASP A 136 -0.05 -4.96 -29.07
N ASN A 137 -0.61 -5.67 -30.05
CA ASN A 137 -0.96 -5.05 -31.32
C ASN A 137 -2.45 -4.75 -31.42
N GLU A 138 -3.24 -5.04 -30.37
CA GLU A 138 -4.67 -4.80 -30.46
C GLU A 138 -5.07 -3.50 -29.76
N PHE A 139 -4.45 -3.22 -28.60
CA PHE A 139 -4.79 -2.08 -27.79
C PHE A 139 -4.65 -0.78 -28.58
N ARG A 140 -5.65 0.10 -28.51
CA ARG A 140 -5.55 1.47 -29.00
C ARG A 140 -6.29 2.40 -28.05
N LEU A 141 -5.62 3.46 -27.59
CA LEU A 141 -6.26 4.56 -26.91
C LEU A 141 -6.25 5.77 -27.86
N ASP A 142 -7.39 6.44 -28.00
CA ASP A 142 -7.58 7.48 -29.01
C ASP A 142 -7.96 8.79 -28.33
N ARG A 143 -8.62 8.70 -27.17
CA ARG A 143 -9.20 9.87 -26.53
C ARG A 143 -8.75 9.92 -25.07
N TRP A 144 -9.00 11.07 -24.41
CA TRP A 144 -8.55 11.32 -23.04
C TRP A 144 -9.58 10.81 -22.04
N ALA A 145 -9.24 10.89 -20.74
CA ALA A 145 -9.95 10.19 -19.69
C ALA A 145 -11.48 10.29 -19.73
N LEU A 146 -12.06 11.45 -19.96
CA LEU A 146 -13.51 11.43 -19.74
C LEU A 146 -14.25 11.22 -21.05
N GLU A 147 -13.51 11.22 -22.16
CA GLU A 147 -14.11 11.24 -23.49
C GLU A 147 -14.16 9.85 -24.11
N LEU A 148 -13.46 8.88 -23.53
CA LEU A 148 -13.37 7.54 -24.09
C LEU A 148 -14.49 6.61 -23.61
N ASN A 149 -15.50 7.14 -22.91
CA ASN A 149 -16.51 6.32 -22.27
C ASN A 149 -17.74 6.12 -23.15
N THR A 150 -17.70 6.51 -24.42
CA THR A 150 -18.95 6.55 -25.18
C THR A 150 -19.45 5.14 -25.52
N ALA A 151 -18.53 4.18 -25.67
CA ALA A 151 -18.87 2.77 -25.86
C ALA A 151 -19.86 2.52 -27.00
N ILE A 152 -19.75 3.31 -28.08
CA ILE A 152 -20.68 3.18 -29.20
C ILE A 152 -20.44 1.84 -29.89
N PRO A 153 -21.48 1.02 -30.13
CA PRO A 153 -21.33 -0.22 -30.89
C PRO A 153 -20.68 0.02 -32.25
N GLY A 154 -19.65 -0.79 -32.56
CA GLY A 154 -18.99 -0.74 -33.86
C GLY A 154 -17.77 0.18 -33.85
N ASP A 155 -17.67 1.03 -32.82
CA ASP A 155 -16.64 2.06 -32.77
C ASP A 155 -15.35 1.43 -32.27
N LYS A 156 -14.24 1.67 -32.99
CA LYS A 156 -12.99 1.00 -32.65
C LYS A 156 -12.18 1.82 -31.66
N ARG A 157 -12.56 3.07 -31.42
CA ARG A 157 -11.75 3.93 -30.57
C ARG A 157 -11.77 3.40 -29.14
N ASP A 158 -10.58 3.33 -28.55
CA ASP A 158 -10.43 3.03 -27.14
C ASP A 158 -10.93 1.61 -26.87
N THR A 159 -10.49 0.66 -27.72
CA THR A 159 -10.83 -0.73 -27.57
C THR A 159 -9.57 -1.57 -27.47
N SER A 160 -9.79 -2.83 -27.10
CA SER A 160 -8.82 -3.90 -27.23
C SER A 160 -9.61 -5.21 -27.35
N THR A 161 -8.91 -6.35 -27.20
CA THR A 161 -9.58 -7.65 -27.14
C THR A 161 -9.31 -8.27 -25.77
N PRO A 162 -10.19 -9.14 -25.25
CA PRO A 162 -9.94 -9.82 -23.97
C PRO A 162 -8.57 -10.49 -23.92
N LYS A 163 -8.19 -11.12 -25.04
CA LYS A 163 -6.98 -11.93 -25.14
C LYS A 163 -5.75 -11.04 -25.06
N ALA A 164 -5.83 -9.87 -25.72
CA ALA A 164 -4.70 -8.96 -25.76
C ALA A 164 -4.54 -8.32 -24.38
N VAL A 165 -5.68 -8.05 -23.72
CA VAL A 165 -5.62 -7.51 -22.38
C VAL A 165 -4.92 -8.52 -21.45
N ALA A 166 -5.38 -9.77 -21.49
CA ALA A 166 -4.83 -10.85 -20.68
C ALA A 166 -3.32 -11.01 -20.90
N ASN A 167 -2.91 -11.10 -22.18
CA ASN A 167 -1.52 -11.28 -22.53
C ASN A 167 -0.68 -10.16 -21.94
N SER A 168 -1.10 -8.93 -22.20
CA SER A 168 -0.41 -7.75 -21.69
C SER A 168 -0.30 -7.81 -20.16
N LEU A 169 -1.41 -8.11 -19.46
CA LEU A 169 -1.33 -8.13 -18.01
C LEU A 169 -0.33 -9.19 -17.57
N ASN A 170 -0.34 -10.33 -18.27
CA ASN A 170 0.58 -11.40 -17.94
C ASN A 170 2.03 -10.89 -18.07
N LYS A 171 2.32 -10.17 -19.16
CA LYS A 171 3.68 -9.70 -19.41
C LYS A 171 4.07 -8.65 -18.38
N LEU A 172 3.11 -7.81 -17.97
CA LEU A 172 3.44 -6.70 -17.11
C LEU A 172 3.46 -7.14 -15.65
N ALA A 173 2.48 -7.95 -15.24
CA ALA A 173 2.33 -8.31 -13.83
C ALA A 173 3.22 -9.48 -13.42
N LEU A 174 3.57 -10.36 -14.37
CA LEU A 174 4.21 -11.63 -14.04
C LEU A 174 5.51 -11.81 -14.82
N GLY A 175 5.60 -11.22 -16.03
CA GLY A 175 6.73 -11.38 -16.93
C GLY A 175 7.84 -10.38 -16.63
N ASN A 176 8.59 -10.00 -17.69
CA ASN A 176 9.93 -9.43 -17.52
C ASN A 176 10.03 -7.99 -18.05
N VAL A 177 8.91 -7.36 -18.39
CA VAL A 177 8.92 -5.97 -18.81
C VAL A 177 9.43 -5.08 -17.68
N LEU A 178 8.96 -5.36 -16.44
CA LEU A 178 9.41 -4.69 -15.22
C LEU A 178 10.37 -5.62 -14.49
N ASN A 179 11.43 -5.05 -13.88
CA ASN A 179 12.36 -5.84 -13.08
C ASN A 179 11.70 -6.23 -11.77
N ALA A 180 12.42 -7.00 -10.95
CA ALA A 180 11.85 -7.63 -9.77
C ALA A 180 11.22 -6.59 -8.84
N LYS A 181 11.99 -5.53 -8.55
CA LYS A 181 11.60 -4.52 -7.56
C LYS A 181 10.37 -3.76 -8.04
N VAL A 182 10.35 -3.42 -9.33
CA VAL A 182 9.34 -2.52 -9.87
C VAL A 182 8.09 -3.34 -10.18
N LYS A 183 8.29 -4.61 -10.57
CA LYS A 183 7.16 -5.51 -10.76
C LYS A 183 6.37 -5.67 -9.45
N ALA A 184 7.08 -5.78 -8.31
CA ALA A 184 6.50 -5.98 -7.00
C ALA A 184 5.60 -4.79 -6.66
N ILE A 185 6.05 -3.59 -7.01
CA ILE A 185 5.29 -2.37 -6.77
C ILE A 185 3.99 -2.41 -7.56
N TYR A 186 4.08 -2.84 -8.83
CA TYR A 186 2.94 -2.85 -9.72
C TYR A 186 1.90 -3.83 -9.16
N GLN A 187 2.39 -5.00 -8.74
CA GLN A 187 1.55 -6.03 -8.14
C GLN A 187 0.80 -5.46 -6.94
N ASN A 188 1.50 -4.77 -6.02
CA ASN A 188 0.87 -4.24 -4.82
C ASN A 188 -0.18 -3.20 -5.21
N TRP A 189 0.10 -2.41 -6.25
CA TRP A 189 -0.88 -1.44 -6.71
C TRP A 189 -2.16 -2.15 -7.12
N LEU A 190 -2.02 -3.16 -8.01
CA LEU A 190 -3.15 -3.98 -8.44
C LEU A 190 -3.85 -4.64 -7.24
N LYS A 191 -3.08 -5.14 -6.27
CA LYS A 191 -3.67 -5.83 -5.11
C LYS A 191 -4.56 -4.89 -4.30
N GLY A 192 -4.16 -3.61 -4.20
CA GLY A 192 -4.92 -2.64 -3.43
C GLY A 192 -5.97 -1.88 -4.26
N ASN A 193 -6.32 -2.39 -5.46
CA ASN A 193 -7.38 -1.76 -6.24
C ASN A 193 -8.64 -1.76 -5.37
N THR A 194 -9.47 -0.70 -5.45
CA THR A 194 -10.59 -0.57 -4.52
C THR A 194 -11.95 -0.74 -5.20
N THR A 195 -12.00 -0.90 -6.52
CA THR A 195 -13.27 -0.79 -7.23
C THR A 195 -13.78 -2.15 -7.72
N GLY A 196 -13.09 -3.25 -7.39
CA GLY A 196 -13.33 -4.52 -8.07
C GLY A 196 -13.95 -5.63 -7.21
N ASP A 197 -14.48 -5.29 -6.02
CA ASP A 197 -15.04 -6.25 -5.06
C ASP A 197 -16.20 -7.07 -5.61
N ALA A 198 -17.00 -6.51 -6.52
CA ALA A 198 -18.16 -7.22 -7.04
C ALA A 198 -17.82 -7.97 -8.34
N ARG A 199 -16.56 -7.87 -8.80
CA ARG A 199 -16.22 -8.42 -10.11
C ARG A 199 -15.37 -9.69 -9.97
N ILE A 200 -14.18 -9.71 -10.58
CA ILE A 200 -13.40 -10.94 -10.50
C ILE A 200 -13.19 -11.35 -9.05
N ARG A 201 -13.03 -10.38 -8.14
CA ARG A 201 -12.76 -10.70 -6.75
C ARG A 201 -13.88 -11.55 -6.15
N ALA A 202 -15.12 -11.36 -6.62
CA ALA A 202 -16.28 -12.03 -6.05
C ALA A 202 -16.42 -13.48 -6.53
N SER A 203 -15.58 -13.85 -7.51
CA SER A 203 -15.62 -15.17 -8.14
C SER A 203 -14.61 -16.15 -7.52
N VAL A 204 -13.77 -15.70 -6.58
CA VAL A 204 -12.74 -16.57 -6.04
C VAL A 204 -12.88 -16.65 -4.54
N PRO A 205 -12.33 -17.70 -3.88
CA PRO A 205 -12.32 -17.75 -2.42
C PRO A 205 -11.63 -16.56 -1.79
N ALA A 206 -12.11 -16.20 -0.60
CA ALA A 206 -11.67 -15.07 0.19
C ALA A 206 -10.16 -15.11 0.47
N ASP A 207 -9.54 -16.33 0.46
CA ASP A 207 -8.14 -16.41 0.87
C ASP A 207 -7.19 -16.35 -0.34
N TRP A 208 -7.74 -16.36 -1.56
CA TRP A 208 -6.96 -16.11 -2.75
C TRP A 208 -6.61 -14.62 -2.85
N VAL A 209 -5.39 -14.32 -3.29
CA VAL A 209 -4.96 -12.94 -3.40
C VAL A 209 -5.21 -12.49 -4.83
N VAL A 210 -5.81 -11.29 -4.98
CA VAL A 210 -6.22 -10.79 -6.29
C VAL A 210 -5.71 -9.36 -6.43
N GLY A 211 -5.27 -9.01 -7.63
CA GLY A 211 -5.02 -7.64 -8.05
C GLY A 211 -5.77 -7.40 -9.36
N ASP A 212 -6.42 -6.24 -9.51
CA ASP A 212 -7.32 -6.07 -10.64
C ASP A 212 -7.43 -4.59 -11.02
N LYS A 213 -7.97 -4.33 -12.21
CA LYS A 213 -8.44 -3.00 -12.55
C LYS A 213 -9.77 -3.15 -13.29
N THR A 214 -10.80 -2.41 -12.85
CA THR A 214 -12.11 -2.44 -13.49
C THR A 214 -12.21 -1.29 -14.49
N GLY A 215 -13.24 -1.36 -15.34
CA GLY A 215 -13.65 -0.25 -16.19
C GLY A 215 -15.18 -0.27 -16.34
N SER A 216 -15.80 0.92 -16.20
CA SER A 216 -17.24 1.11 -16.36
C SER A 216 -17.51 2.34 -17.21
N CYS A 217 -18.10 2.12 -18.38
CA CYS A 217 -18.30 3.18 -19.36
C CYS A 217 -19.43 4.11 -18.96
N GLY A 218 -20.48 3.56 -18.33
CA GLY A 218 -21.68 4.34 -18.04
C GLY A 218 -22.60 4.46 -19.25
N ALA A 219 -22.33 3.65 -20.30
CA ALA A 219 -23.15 3.62 -21.50
C ALA A 219 -23.15 2.22 -22.11
N TYR A 220 -24.30 1.79 -22.65
CA TYR A 220 -24.35 0.49 -23.31
C TYR A 220 -23.99 -0.65 -22.34
N GLY A 221 -24.30 -0.49 -21.04
CA GLY A 221 -24.02 -1.50 -20.04
C GLY A 221 -22.61 -2.08 -20.17
N THR A 222 -21.65 -1.22 -20.56
CA THR A 222 -20.29 -1.64 -20.88
C THR A 222 -19.44 -1.54 -19.61
N ALA A 223 -18.85 -2.66 -19.22
CA ALA A 223 -17.98 -2.72 -18.04
C ALA A 223 -17.02 -3.90 -18.17
N ASN A 224 -15.94 -3.89 -17.39
CA ASN A 224 -14.97 -4.96 -17.52
C ASN A 224 -14.13 -5.06 -16.26
N ASP A 225 -13.26 -6.08 -16.22
CA ASP A 225 -12.32 -6.31 -15.15
C ASP A 225 -11.20 -7.20 -15.70
N TYR A 226 -9.96 -6.92 -15.27
CA TYR A 226 -8.88 -7.85 -15.52
C TYR A 226 -8.11 -8.03 -14.21
N ALA A 227 -7.58 -9.23 -14.01
CA ALA A 227 -7.00 -9.62 -12.72
C ALA A 227 -5.84 -10.59 -12.89
N VAL A 228 -4.85 -10.46 -11.99
CA VAL A 228 -3.92 -11.50 -11.60
C VAL A 228 -4.46 -12.11 -10.31
N ILE A 229 -4.46 -13.44 -10.25
CA ILE A 229 -4.98 -14.17 -9.11
C ILE A 229 -3.91 -15.16 -8.65
N TRP A 230 -3.53 -15.08 -7.37
CA TRP A 230 -2.63 -16.03 -6.72
C TRP A 230 -3.44 -16.98 -5.84
N PRO A 231 -3.86 -18.18 -6.32
CA PRO A 231 -4.60 -19.12 -5.49
C PRO A 231 -3.63 -19.64 -4.43
N LYS A 232 -4.18 -20.21 -3.35
CA LYS A 232 -3.40 -20.90 -2.33
C LYS A 232 -2.59 -22.03 -2.97
N ASN A 233 -1.28 -22.02 -2.72
CA ASN A 233 -0.33 -23.02 -3.18
C ASN A 233 -0.61 -23.46 -4.63
N ARG A 234 -0.68 -22.49 -5.56
CA ARG A 234 -0.89 -22.81 -6.97
C ARG A 234 -0.32 -21.67 -7.81
N ALA A 235 0.02 -21.95 -9.07
CA ALA A 235 0.55 -20.95 -9.99
C ALA A 235 -0.50 -19.87 -10.25
N PRO A 236 -0.10 -18.60 -10.48
CA PRO A 236 -1.05 -17.51 -10.77
C PRO A 236 -1.97 -17.78 -11.97
N LEU A 237 -3.17 -17.16 -11.94
CA LEU A 237 -4.10 -17.16 -13.05
C LEU A 237 -4.19 -15.73 -13.60
N ILE A 238 -4.55 -15.58 -14.89
CA ILE A 238 -4.89 -14.29 -15.47
C ILE A 238 -6.29 -14.41 -16.04
N VAL A 239 -7.15 -13.46 -15.67
CA VAL A 239 -8.54 -13.45 -16.10
C VAL A 239 -8.86 -12.04 -16.63
N SER A 240 -9.48 -12.02 -17.81
CA SER A 240 -9.83 -10.80 -18.51
C SER A 240 -11.30 -10.93 -18.94
N ILE A 241 -12.18 -10.04 -18.44
CA ILE A 241 -13.61 -10.14 -18.75
C ILE A 241 -14.09 -8.76 -19.22
N TYR A 242 -14.66 -8.70 -20.43
CA TYR A 242 -15.21 -7.52 -21.07
C TYR A 242 -16.66 -7.80 -21.44
N THR A 243 -17.54 -6.80 -21.25
CA THR A 243 -18.95 -6.95 -21.56
C THR A 243 -19.45 -5.65 -22.17
N THR A 244 -20.43 -5.76 -23.08
CA THR A 244 -21.27 -4.68 -23.57
C THR A 244 -22.72 -5.18 -23.54
N ARG A 245 -23.69 -4.28 -23.79
CA ARG A 245 -25.10 -4.62 -23.90
C ARG A 245 -25.73 -3.91 -25.09
N LYS A 246 -26.93 -4.34 -25.50
CA LYS A 246 -27.56 -3.88 -26.73
C LYS A 246 -27.90 -2.39 -26.68
N SER A 247 -28.53 -1.90 -25.60
CA SER A 247 -29.12 -0.57 -25.60
C SER A 247 -28.26 0.44 -24.85
N LYS A 248 -28.31 1.69 -25.32
CA LYS A 248 -27.52 2.77 -24.76
C LYS A 248 -27.77 2.92 -23.26
N ASP A 249 -29.01 2.67 -22.83
CA ASP A 249 -29.46 3.02 -21.49
C ASP A 249 -29.30 1.85 -20.52
N ASP A 250 -28.88 0.69 -21.03
CA ASP A 250 -28.73 -0.51 -20.22
C ASP A 250 -27.64 -0.27 -19.20
N LYS A 251 -27.84 -0.75 -17.98
CA LYS A 251 -26.82 -0.60 -16.95
C LYS A 251 -25.91 -1.82 -16.96
N HIS A 252 -24.63 -1.63 -16.58
CA HIS A 252 -23.70 -2.75 -16.55
C HIS A 252 -24.18 -3.81 -15.54
N SER A 253 -23.65 -5.04 -15.64
CA SER A 253 -23.96 -6.11 -14.72
C SER A 253 -22.71 -6.69 -14.05
N ASP A 254 -22.46 -6.32 -12.78
CA ASP A 254 -21.33 -6.82 -12.01
C ASP A 254 -21.40 -8.34 -11.87
N LYS A 255 -22.62 -8.85 -11.71
CA LYS A 255 -22.83 -10.25 -11.41
C LYS A 255 -22.54 -11.09 -12.65
N THR A 256 -22.81 -10.54 -13.83
CA THR A 256 -22.47 -11.21 -15.08
C THR A 256 -20.95 -11.35 -15.19
N ILE A 257 -20.23 -10.30 -14.82
CA ILE A 257 -18.78 -10.33 -14.88
C ILE A 257 -18.26 -11.38 -13.91
N ALA A 258 -18.79 -11.38 -12.68
CA ALA A 258 -18.36 -12.34 -11.67
C ALA A 258 -18.61 -13.77 -12.13
N GLU A 259 -19.81 -14.02 -12.66
CA GLU A 259 -20.17 -15.34 -13.16
C GLU A 259 -19.28 -15.73 -14.34
N ALA A 260 -19.07 -14.81 -15.29
CA ALA A 260 -18.20 -15.11 -16.42
C ALA A 260 -16.82 -15.56 -15.91
N SER A 261 -16.34 -14.89 -14.85
CA SER A 261 -15.07 -15.20 -14.22
C SER A 261 -15.07 -16.61 -13.61
N ARG A 262 -16.12 -16.94 -12.84
CA ARG A 262 -16.28 -18.27 -12.28
CA ARG A 262 -16.28 -18.27 -12.27
C ARG A 262 -16.16 -19.30 -13.39
N ILE A 263 -16.86 -19.08 -14.51
CA ILE A 263 -16.88 -20.04 -15.60
C ILE A 263 -15.48 -20.19 -16.20
N ALA A 264 -14.81 -19.05 -16.47
CA ALA A 264 -13.48 -19.00 -17.02
C ALA A 264 -12.46 -19.72 -16.14
N ILE A 265 -12.54 -19.54 -14.82
CA ILE A 265 -11.60 -20.16 -13.90
C ILE A 265 -11.77 -21.69 -13.88
N GLN A 266 -13.02 -22.15 -13.92
CA GLN A 266 -13.28 -23.59 -14.04
C GLN A 266 -12.74 -24.13 -15.36
N ALA A 267 -12.90 -23.38 -16.46
CA ALA A 267 -12.51 -23.83 -17.79
C ALA A 267 -11.03 -24.17 -17.89
N ILE A 268 -10.16 -23.49 -17.12
CA ILE A 268 -8.71 -23.71 -17.21
C ILE A 268 -8.22 -24.54 -16.03
N ASP A 269 -9.16 -25.03 -15.20
CA ASP A 269 -8.85 -25.84 -14.03
C ASP A 269 -8.45 -27.26 -14.47
N ASN B 3 0.09 -24.21 8.88
CA ASN B 3 -1.18 -24.41 9.64
C ASN B 3 -1.19 -23.54 10.89
N LYS B 4 -0.03 -23.31 11.53
CA LYS B 4 0.05 -22.46 12.71
C LYS B 4 -0.06 -20.99 12.27
N SER B 5 0.51 -20.73 11.09
CA SER B 5 0.43 -19.46 10.40
C SER B 5 -1.02 -19.14 10.03
N ASP B 6 -1.72 -20.14 9.46
CA ASP B 6 -3.06 -19.95 8.93
C ASP B 6 -4.09 -19.78 10.05
N ALA B 7 -3.82 -20.36 11.23
CA ALA B 7 -4.71 -20.21 12.37
C ALA B 7 -4.60 -18.78 12.91
N ALA B 8 -3.37 -18.27 12.99
CA ALA B 8 -3.16 -16.92 13.46
C ALA B 8 -3.80 -15.93 12.48
N ALA B 9 -3.69 -16.22 11.18
CA ALA B 9 -4.28 -15.38 10.15
C ALA B 9 -5.81 -15.31 10.32
N LYS B 10 -6.45 -16.48 10.52
CA LYS B 10 -7.88 -16.53 10.80
C LYS B 10 -8.26 -15.63 11.97
N GLN B 11 -7.44 -15.63 13.05
CA GLN B 11 -7.78 -14.87 14.24
C GLN B 11 -7.57 -13.36 14.06
N ILE B 12 -6.54 -12.96 13.30
CA ILE B 12 -6.35 -11.53 13.06
C ILE B 12 -7.50 -11.01 12.18
N LYS B 13 -7.85 -11.78 11.13
CA LYS B 13 -8.93 -11.39 10.23
C LYS B 13 -10.21 -11.14 11.00
N LYS B 14 -10.50 -12.05 11.95
CA LYS B 14 -11.74 -11.94 12.69
C LYS B 14 -11.70 -10.71 13.60
N LEU B 15 -10.54 -10.49 14.25
CA LEU B 15 -10.36 -9.36 15.14
C LEU B 15 -10.53 -8.04 14.38
N GLU B 16 -10.01 -8.00 13.14
CA GLU B 16 -10.14 -6.78 12.34
C GLU B 16 -11.59 -6.56 11.93
N GLU B 17 -12.35 -7.64 11.73
CA GLU B 17 -13.74 -7.50 11.36
C GLU B 17 -14.61 -7.11 12.57
N ASP B 18 -14.22 -7.58 13.75
CA ASP B 18 -14.97 -7.32 14.97
C ASP B 18 -15.04 -5.82 15.31
N PHE B 19 -13.98 -5.06 15.01
CA PHE B 19 -13.97 -3.64 15.33
C PHE B 19 -13.98 -2.82 14.02
N ASP B 20 -14.25 -3.50 12.91
CA ASP B 20 -14.55 -2.85 11.65
C ASP B 20 -13.35 -2.04 11.16
N GLY B 21 -12.19 -2.69 11.07
CA GLY B 21 -10.99 -1.98 10.69
C GLY B 21 -9.97 -2.89 10.04
N ARG B 22 -8.70 -2.55 10.23
CA ARG B 22 -7.61 -3.20 9.51
C ARG B 22 -6.43 -3.38 10.45
N ILE B 23 -5.93 -4.61 10.58
CA ILE B 23 -4.76 -4.89 11.40
C ILE B 23 -3.63 -5.41 10.52
N GLY B 24 -2.44 -4.84 10.71
CA GLY B 24 -1.25 -5.32 10.05
C GLY B 24 -0.23 -5.75 11.11
N VAL B 25 0.39 -6.92 10.91
CA VAL B 25 1.24 -7.52 11.90
C VAL B 25 2.51 -8.06 11.24
N PHE B 26 3.64 -7.89 11.93
CA PHE B 26 4.84 -8.66 11.64
C PHE B 26 5.58 -8.94 12.95
N ALA B 27 5.99 -10.20 13.12
CA ALA B 27 6.69 -10.64 14.32
C ALA B 27 7.84 -11.56 13.91
N ILE B 28 8.97 -11.40 14.62
CA ILE B 28 10.18 -12.16 14.40
C ILE B 28 10.63 -12.79 15.72
N ASP B 29 10.90 -14.09 15.70
CA ASP B 29 11.70 -14.72 16.74
C ASP B 29 13.15 -14.67 16.29
N THR B 30 13.96 -13.80 16.91
CA THR B 30 15.33 -13.58 16.43
C THR B 30 16.21 -14.78 16.71
N GLY B 31 15.69 -15.78 17.46
CA GLY B 31 16.49 -16.94 17.85
C GLY B 31 16.30 -18.17 16.95
N SER B 32 15.17 -18.23 16.25
CA SER B 32 14.90 -19.25 15.26
C SER B 32 14.88 -18.61 13.86
N GLY B 33 14.65 -17.29 13.80
CA GLY B 33 14.38 -16.67 12.51
C GLY B 33 12.91 -16.80 12.07
N ASN B 34 12.07 -17.50 12.85
CA ASN B 34 10.68 -17.73 12.48
C ASN B 34 9.89 -16.43 12.49
N THR B 35 8.97 -16.29 11.52
CA THR B 35 8.27 -15.04 11.34
C THR B 35 6.79 -15.30 11.16
N PHE B 36 5.98 -14.28 11.50
CA PHE B 36 4.55 -14.28 11.22
C PHE B 36 4.16 -12.90 10.70
N GLY B 37 3.36 -12.89 9.64
CA GLY B 37 2.90 -11.65 9.04
C GLY B 37 1.40 -11.74 8.70
N TYR B 38 0.73 -10.59 8.82
CA TYR B 38 -0.63 -10.45 8.31
C TYR B 38 -0.76 -9.02 7.81
N ARG B 39 -1.13 -8.88 6.53
CA ARG B 39 -1.12 -7.61 5.81
C ARG B 39 0.24 -6.94 6.04
N SER B 40 1.32 -7.72 6.06
CA SER B 40 2.61 -7.23 6.52
C SER B 40 3.30 -6.36 5.46
N ASP B 41 2.77 -6.36 4.22
CA ASP B 41 3.29 -5.54 3.14
C ASP B 41 2.36 -4.37 2.81
N GLU B 42 1.24 -4.24 3.52
CA GLU B 42 0.33 -3.13 3.29
C GLU B 42 0.79 -1.92 4.09
N ARG B 43 0.40 -0.74 3.61
CA ARG B 43 0.81 0.53 4.19
C ARG B 43 -0.12 0.91 5.32
N PHE B 44 0.45 1.44 6.40
CA PHE B 44 -0.29 1.99 7.52
C PHE B 44 0.37 3.30 7.96
N PRO B 45 -0.40 4.31 8.43
CA PRO B 45 0.20 5.53 8.97
C PRO B 45 1.12 5.21 10.14
N LEU B 46 2.28 5.88 10.16
CA LEU B 46 3.26 5.74 11.23
C LEU B 46 2.81 6.45 12.49
N CYS B 47 2.07 7.57 12.34
CA CYS B 47 1.81 8.47 13.45
C CYS B 47 3.15 8.76 14.14
N SER B 48 3.11 8.95 15.46
CA SER B 48 4.28 9.20 16.30
C SER B 48 5.27 8.04 16.32
N SER B 49 4.92 6.87 15.75
CA SER B 49 5.84 5.74 15.89
C SER B 49 7.19 6.05 15.24
N PHE B 50 7.21 6.95 14.26
CA PHE B 50 8.46 7.23 13.56
C PHE B 50 9.46 7.86 14.53
N LYS B 51 8.95 8.45 15.62
CA LYS B 51 9.78 9.14 16.60
C LYS B 51 10.85 8.21 17.17
N GLY B 52 10.55 6.92 17.25
CA GLY B 52 11.51 5.96 17.74
C GLY B 52 12.67 5.74 16.77
N PHE B 53 12.45 5.96 15.47
CA PHE B 53 13.51 5.81 14.51
C PHE B 53 14.32 7.11 14.44
N LEU B 54 13.65 8.24 14.73
CA LEU B 54 14.31 9.52 14.77
C LEU B 54 15.38 9.51 15.86
N ALA B 55 15.07 8.87 16.98
CA ALA B 55 15.99 8.82 18.10
C ALA B 55 17.19 7.92 17.75
N ALA B 56 16.96 6.91 16.90
CA ALA B 56 18.07 6.07 16.44
C ALA B 56 18.96 6.84 15.48
N ALA B 57 18.33 7.62 14.58
CA ALA B 57 19.06 8.48 13.65
C ALA B 57 20.01 9.41 14.40
N VAL B 58 19.52 10.02 15.50
CA VAL B 58 20.33 10.90 16.32
C VAL B 58 21.51 10.12 16.89
N LEU B 59 21.24 8.91 17.41
CA LEU B 59 22.31 8.13 18.01
C LEU B 59 23.36 7.73 16.96
N GLU B 60 22.92 7.44 15.73
CA GLU B 60 23.86 7.15 14.65
C GLU B 60 24.78 8.35 14.41
N ARG B 61 24.21 9.56 14.44
CA ARG B 61 25.00 10.77 14.20
C ARG B 61 26.03 10.93 15.30
N VAL B 62 25.63 10.67 16.56
CA VAL B 62 26.50 10.77 17.71
C VAL B 62 27.67 9.79 17.55
N GLN B 63 27.36 8.58 17.07
CA GLN B 63 28.34 7.53 16.88
C GLN B 63 29.37 7.98 15.83
N GLN B 64 28.88 8.62 14.77
CA GLN B 64 29.74 9.08 13.68
C GLN B 64 30.51 10.36 14.03
N LYS B 65 30.27 10.91 15.23
CA LYS B 65 30.94 12.12 15.69
C LYS B 65 30.49 13.35 14.87
N LYS B 66 29.30 13.26 14.27
CA LYS B 66 28.71 14.43 13.62
C LYS B 66 27.94 15.26 14.64
N LEU B 67 27.61 14.66 15.80
CA LEU B 67 26.96 15.35 16.90
C LEU B 67 27.57 14.82 18.19
N ASP B 68 27.39 15.58 19.29
CA ASP B 68 27.78 15.17 20.63
C ASP B 68 26.49 14.92 21.41
N ILE B 69 26.43 13.82 22.18
CA ILE B 69 25.22 13.46 22.91
C ILE B 69 24.88 14.50 23.99
N ASN B 70 25.87 15.29 24.44
CA ASN B 70 25.69 16.23 25.55
C ASN B 70 25.64 17.69 25.10
N GLN B 71 25.70 17.94 23.80
CA GLN B 71 25.62 19.31 23.30
C GLN B 71 24.26 19.92 23.72
N LYS B 72 24.32 21.18 24.18
CA LYS B 72 23.15 21.90 24.66
C LYS B 72 22.29 22.31 23.46
N VAL B 73 21.00 21.96 23.50
CA VAL B 73 20.09 22.37 22.44
C VAL B 73 19.12 23.41 23.02
N LYS B 74 19.19 24.64 22.51
CA LYS B 74 18.47 25.78 23.06
C LYS B 74 17.31 26.17 22.13
N TYR B 75 16.21 26.66 22.71
CA TYR B 75 14.97 26.92 21.97
C TYR B 75 14.08 27.88 22.74
N GLU B 76 14.71 28.90 23.34
CA GLU B 76 14.11 29.73 24.37
C GLU B 76 12.99 30.59 23.78
N SER B 77 12.99 30.79 22.46
CA SER B 77 12.05 31.70 21.82
C SER B 77 10.98 30.93 21.04
N ARG B 78 11.10 29.60 21.02
CA ARG B 78 10.26 28.76 20.16
C ARG B 78 8.85 28.68 20.71
N ASP B 79 7.88 28.75 19.80
CA ASP B 79 6.49 28.42 20.07
C ASP B 79 6.34 26.91 20.03
N LEU B 80 6.34 26.24 21.19
CA LEU B 80 6.35 24.78 21.23
C LEU B 80 5.04 24.20 20.71
N GLU B 81 5.16 23.21 19.81
CA GLU B 81 4.02 22.44 19.30
C GLU B 81 3.21 21.87 20.47
N TYR B 82 1.91 21.68 20.24
CA TYR B 82 1.07 20.89 21.11
C TYR B 82 1.74 19.55 21.40
N HIS B 83 1.52 19.07 22.63
CA HIS B 83 2.07 17.84 23.17
C HIS B 83 3.60 17.90 23.19
N SER B 84 4.11 18.83 24.01
CA SER B 84 5.54 18.97 24.27
C SER B 84 5.76 18.94 25.78
N PRO B 85 5.35 17.85 26.47
CA PRO B 85 5.39 17.85 27.94
C PRO B 85 6.81 18.02 28.48
N ILE B 86 7.80 17.50 27.75
CA ILE B 86 9.16 17.50 28.28
C ILE B 86 9.90 18.78 27.87
N THR B 87 9.84 19.12 26.57
CA THR B 87 10.52 20.32 26.12
C THR B 87 9.92 21.58 26.77
N THR B 88 8.64 21.57 27.14
CA THR B 88 8.04 22.69 27.87
C THR B 88 8.79 22.93 29.18
N LYS B 89 9.23 21.87 29.86
CA LYS B 89 9.81 22.09 31.19
C LYS B 89 11.24 22.67 31.10
N TYR B 90 11.92 22.51 29.96
CA TYR B 90 13.30 22.96 29.91
C TYR B 90 13.46 24.13 28.96
N LYS B 91 12.36 24.77 28.58
CA LYS B 91 12.42 25.84 27.61
C LYS B 91 13.42 26.93 28.06
N GLY B 92 13.42 27.22 29.37
CA GLY B 92 14.28 28.24 29.94
C GLY B 92 15.77 27.92 29.77
N SER B 93 16.14 26.65 29.93
CA SER B 93 17.54 26.29 30.10
C SER B 93 18.10 25.51 28.90
N GLY B 94 17.22 24.96 28.04
CA GLY B 94 17.65 24.04 26.99
C GLY B 94 17.78 22.59 27.48
N MET B 95 18.09 21.67 26.56
CA MET B 95 18.29 20.27 26.89
C MET B 95 19.52 19.73 26.17
N THR B 96 20.15 18.70 26.72
CA THR B 96 21.14 17.95 25.97
C THR B 96 20.44 17.27 24.79
N LEU B 97 21.18 17.09 23.69
CA LEU B 97 20.68 16.39 22.50
C LEU B 97 20.14 15.02 22.89
N GLY B 98 20.85 14.31 23.78
CA GLY B 98 20.43 13.00 24.26
C GLY B 98 19.04 13.05 24.92
N ASP B 99 18.89 13.93 25.92
CA ASP B 99 17.62 14.02 26.63
C ASP B 99 16.51 14.45 25.68
N MET B 100 16.87 15.25 24.68
CA MET B 100 15.84 15.75 23.79
C MET B 100 15.31 14.59 22.92
N ALA B 101 16.24 13.79 22.39
CA ALA B 101 15.92 12.65 21.55
C ALA B 101 15.10 11.60 22.30
N SER B 102 15.47 11.32 23.55
CA SER B 102 14.77 10.30 24.32
C SER B 102 13.36 10.79 24.70
N ALA B 103 13.22 12.09 24.98
CA ALA B 103 11.90 12.68 25.20
C ALA B 103 11.02 12.47 23.97
N ALA B 104 11.57 12.64 22.76
CA ALA B 104 10.79 12.47 21.53
C ALA B 104 10.27 11.03 21.45
N LEU B 105 11.09 10.07 21.94
CA LEU B 105 10.72 8.67 21.95
C LEU B 105 9.80 8.40 23.14
N GLN B 106 10.24 8.70 24.36
CA GLN B 106 9.59 8.20 25.57
C GLN B 106 8.28 8.92 25.88
N TYR B 107 8.19 10.20 25.50
CA TYR B 107 6.98 10.96 25.79
C TYR B 107 6.31 11.46 24.52
N SER B 108 6.90 11.10 23.36
CA SER B 108 6.32 11.42 22.06
C SER B 108 6.32 12.94 21.86
N ASP B 109 7.28 13.63 22.50
CA ASP B 109 7.37 15.08 22.55
C ASP B 109 7.53 15.69 21.15
N ASN B 110 6.56 16.51 20.74
CA ASN B 110 6.56 17.07 19.38
C ASN B 110 7.60 18.18 19.22
N GLY B 111 7.83 18.97 20.28
CA GLY B 111 8.86 20.00 20.20
C GLY B 111 10.22 19.34 19.94
N ALA B 112 10.50 18.30 20.73
CA ALA B 112 11.75 17.56 20.62
C ALA B 112 11.88 17.04 19.19
N THR B 113 10.77 16.47 18.69
CA THR B 113 10.74 15.87 17.37
C THR B 113 11.16 16.91 16.33
N ASN B 114 10.46 18.05 16.31
CA ASN B 114 10.57 19.02 15.23
C ASN B 114 11.88 19.78 15.30
N ILE B 115 12.33 20.10 16.53
CA ILE B 115 13.61 20.74 16.72
C ILE B 115 14.69 19.85 16.09
N ILE B 116 14.65 18.56 16.42
CA ILE B 116 15.69 17.64 15.97
C ILE B 116 15.65 17.47 14.45
N MET B 117 14.45 17.35 13.86
CA MET B 117 14.34 17.20 12.42
C MET B 117 14.78 18.47 11.70
N GLU B 118 14.55 19.65 12.29
CA GLU B 118 14.88 20.86 11.55
C GLU B 118 16.38 21.19 11.65
N ARG B 119 17.05 20.77 12.73
CA ARG B 119 18.41 21.24 12.99
C ARG B 119 19.45 20.17 12.70
N PHE B 120 19.11 18.88 12.87
CA PHE B 120 20.13 17.84 12.86
C PHE B 120 19.86 16.79 11.78
N LEU B 121 18.60 16.57 11.40
CA LEU B 121 18.27 15.37 10.63
C LEU B 121 17.87 15.69 9.18
N GLY B 122 17.75 16.98 8.83
CA GLY B 122 17.40 17.38 7.48
C GLY B 122 15.91 17.15 7.17
N GLY B 123 15.03 17.31 8.18
CA GLY B 123 13.60 17.30 7.99
C GLY B 123 13.03 15.92 7.65
N PRO B 124 11.76 15.84 7.21
CA PRO B 124 11.18 14.59 6.73
C PRO B 124 11.95 13.82 5.66
N GLU B 125 12.47 14.54 4.64
CA GLU B 125 13.27 13.90 3.61
C GLU B 125 14.52 13.28 4.23
N GLY B 126 15.13 13.99 5.20
CA GLY B 126 16.32 13.54 5.90
C GLY B 126 16.06 12.28 6.73
N MET B 127 14.93 12.26 7.46
CA MET B 127 14.49 11.12 8.26
C MET B 127 14.30 9.92 7.34
N THR B 128 13.68 10.13 6.18
CA THR B 128 13.45 9.11 5.18
C THR B 128 14.80 8.59 4.66
N LYS B 129 15.78 9.50 4.48
CA LYS B 129 17.07 9.14 3.92
C LYS B 129 17.78 8.17 4.87
N PHE B 130 17.70 8.47 6.18
CA PHE B 130 18.28 7.64 7.21
C PHE B 130 17.73 6.21 7.13
N MET B 131 16.41 6.09 6.91
CA MET B 131 15.77 4.80 6.83
C MET B 131 16.22 4.05 5.57
N ARG B 132 16.31 4.75 4.43
CA ARG B 132 16.87 4.17 3.21
C ARG B 132 18.27 3.62 3.47
N SER B 133 19.08 4.37 4.24
CA SER B 133 20.47 4.01 4.54
C SER B 133 20.60 2.73 5.36
N ILE B 134 19.52 2.28 6.04
CA ILE B 134 19.62 1.00 6.73
C ILE B 134 18.96 -0.09 5.89
N GLY B 135 18.51 0.25 4.67
CA GLY B 135 17.94 -0.73 3.77
C GLY B 135 16.42 -0.84 3.90
N ASP B 136 15.80 0.19 4.49
CA ASP B 136 14.34 0.23 4.59
C ASP B 136 13.78 1.02 3.40
N ASN B 137 13.11 0.33 2.49
CA ASN B 137 12.66 0.97 1.27
C ASN B 137 11.15 1.29 1.32
N GLU B 138 10.47 1.01 2.44
CA GLU B 138 9.03 1.24 2.48
C GLU B 138 8.73 2.52 3.24
N PHE B 139 9.47 2.79 4.32
CA PHE B 139 9.22 3.92 5.18
C PHE B 139 9.30 5.22 4.38
N ARG B 140 8.32 6.12 4.57
CA ARG B 140 8.42 7.47 4.05
C ARG B 140 7.81 8.45 5.06
N LEU B 141 8.59 9.48 5.40
CA LEU B 141 8.04 10.61 6.13
C LEU B 141 7.93 11.81 5.17
N ASP B 142 6.76 12.44 5.15
CA ASP B 142 6.44 13.46 4.17
C ASP B 142 6.24 14.80 4.87
N ARG B 143 5.71 14.76 6.10
CA ARG B 143 5.27 15.97 6.78
C ARG B 143 5.88 16.01 8.19
N TRP B 144 5.75 17.16 8.86
CA TRP B 144 6.39 17.40 10.17
C TRP B 144 5.49 16.91 11.30
N ALA B 145 6.03 16.91 12.54
CA ALA B 145 5.27 16.41 13.67
C ALA B 145 3.97 17.19 13.67
N LEU B 146 2.91 16.51 14.06
CA LEU B 146 1.63 17.19 14.13
C LEU B 146 0.91 17.13 12.79
N GLU B 147 1.58 17.47 11.69
CA GLU B 147 0.90 17.51 10.40
C GLU B 147 0.65 16.09 9.86
N LEU B 148 1.37 15.09 10.37
CA LEU B 148 1.34 13.76 9.77
C LEU B 148 0.26 12.87 10.40
N ASN B 149 -0.63 13.44 11.23
CA ASN B 149 -1.59 12.66 12.00
C ASN B 149 -2.92 12.50 11.27
N THR B 150 -3.02 12.93 10.02
CA THR B 150 -4.35 12.99 9.41
C THR B 150 -4.92 11.59 9.14
N ALA B 151 -4.07 10.60 8.87
CA ALA B 151 -4.46 9.20 8.67
C ALA B 151 -5.65 9.04 7.70
N ILE B 152 -5.67 9.84 6.63
CA ILE B 152 -6.71 9.76 5.63
C ILE B 152 -6.62 8.41 4.93
N PRO B 153 -7.73 7.64 4.81
CA PRO B 153 -7.73 6.38 4.06
C PRO B 153 -7.25 6.62 2.63
N GLY B 154 -6.33 5.77 2.17
CA GLY B 154 -5.84 5.80 0.80
C GLY B 154 -4.59 6.65 0.67
N ASP B 155 -4.30 7.47 1.69
CA ASP B 155 -3.18 8.40 1.64
C ASP B 155 -1.88 7.65 1.94
N LYS B 156 -0.87 7.81 1.08
CA LYS B 156 0.38 7.07 1.29
C LYS B 156 1.39 7.89 2.08
N ARG B 157 1.11 9.17 2.32
CA ARG B 157 2.05 10.01 3.06
C ARG B 157 2.21 9.48 4.49
N ASP B 158 3.48 9.41 4.93
CA ASP B 158 3.81 9.14 6.31
C ASP B 158 3.34 7.74 6.70
N THR B 159 3.64 6.77 5.82
CA THR B 159 3.27 5.39 6.04
C THR B 159 4.53 4.52 5.99
N SER B 160 4.34 3.28 6.42
CA SER B 160 5.28 2.21 6.21
C SER B 160 4.47 0.92 6.18
N THR B 161 5.15 -0.23 6.27
CA THR B 161 4.47 -1.52 6.35
C THR B 161 4.88 -2.15 7.68
N PRO B 162 4.05 -3.01 8.28
CA PRO B 162 4.42 -3.68 9.52
C PRO B 162 5.77 -4.39 9.42
N LYS B 163 6.02 -5.03 8.26
CA LYS B 163 7.20 -5.84 8.01
C LYS B 163 8.45 -4.97 8.00
N ALA B 164 8.33 -3.81 7.35
CA ALA B 164 9.45 -2.91 7.20
C ALA B 164 9.75 -2.29 8.55
N VAL B 165 8.70 -1.99 9.32
CA VAL B 165 8.91 -1.45 10.65
C VAL B 165 9.68 -2.47 11.49
N ALA B 166 9.22 -3.73 11.51
CA ALA B 166 9.82 -4.82 12.30
C ALA B 166 11.29 -5.01 11.90
N ASN B 167 11.56 -5.08 10.59
CA ASN B 167 12.90 -5.29 10.09
C ASN B 167 13.81 -4.18 10.56
N SER B 168 13.38 -2.94 10.33
CA SER B 168 14.12 -1.77 10.78
C SER B 168 14.38 -1.82 12.28
N LEU B 169 13.35 -2.13 13.09
CA LEU B 169 13.58 -2.13 14.53
C LEU B 169 14.62 -3.21 14.87
N ASN B 170 14.53 -4.36 14.19
CA ASN B 170 15.49 -5.44 14.37
C ASN B 170 16.90 -4.89 14.11
N LYS B 171 17.07 -4.17 13.00
CA LYS B 171 18.39 -3.69 12.61
C LYS B 171 18.91 -2.67 13.61
N LEU B 172 18.01 -1.82 14.11
CA LEU B 172 18.44 -0.74 14.99
C LEU B 172 18.64 -1.22 16.42
N ALA B 173 17.68 -2.02 16.93
CA ALA B 173 17.70 -2.38 18.35
C ALA B 173 18.59 -3.59 18.65
N LEU B 174 18.80 -4.46 17.64
CA LEU B 174 19.47 -5.74 17.87
C LEU B 174 20.68 -5.91 16.95
N GLY B 175 20.69 -5.23 15.80
CA GLY B 175 21.69 -5.47 14.76
C GLY B 175 22.93 -4.59 14.92
N ASN B 176 23.52 -4.18 13.79
CA ASN B 176 24.87 -3.63 13.76
C ASN B 176 24.93 -2.18 13.29
N VAL B 177 23.78 -1.52 13.10
CA VAL B 177 23.77 -0.12 12.69
C VAL B 177 24.47 0.74 13.74
N LEU B 178 24.15 0.46 15.01
CA LEU B 178 24.71 1.12 16.20
C LEU B 178 25.72 0.15 16.82
N ASN B 179 26.83 0.70 17.36
CA ASN B 179 27.85 -0.12 18.01
C ASN B 179 27.31 -0.55 19.37
N ALA B 180 28.10 -1.36 20.09
CA ALA B 180 27.66 -1.99 21.32
C ALA B 180 27.15 -0.95 22.32
N LYS B 181 27.97 0.09 22.55
CA LYS B 181 27.71 1.09 23.57
C LYS B 181 26.46 1.90 23.25
N VAL B 182 26.32 2.26 21.96
CA VAL B 182 25.31 3.21 21.53
C VAL B 182 24.00 2.45 21.34
N LYS B 183 24.11 1.18 20.92
CA LYS B 183 22.93 0.31 20.85
C LYS B 183 22.30 0.17 22.23
N ALA B 184 23.13 0.01 23.27
CA ALA B 184 22.69 -0.16 24.64
C ALA B 184 21.86 1.04 25.08
N ILE B 185 22.30 2.24 24.68
CA ILE B 185 21.60 3.47 25.02
C ILE B 185 20.21 3.44 24.38
N TYR B 186 20.15 3.02 23.11
CA TYR B 186 18.92 3.03 22.35
C TYR B 186 17.92 2.08 23.01
N GLN B 187 18.42 0.89 23.39
CA GLN B 187 17.64 -0.12 24.09
C GLN B 187 17.04 0.46 25.38
N ASN B 188 17.85 1.14 26.20
CA ASN B 188 17.35 1.72 27.45
C ASN B 188 16.28 2.77 27.16
N TRP B 189 16.46 3.54 26.08
CA TRP B 189 15.46 4.54 25.72
C TRP B 189 14.12 3.83 25.44
N LEU B 190 14.17 2.81 24.58
CA LEU B 190 12.99 2.01 24.26
C LEU B 190 12.39 1.39 25.52
N LYS B 191 13.24 0.87 26.42
CA LYS B 191 12.76 0.20 27.63
C LYS B 191 11.96 1.17 28.50
N GLY B 192 12.40 2.43 28.57
CA GLY B 192 11.73 3.41 29.41
C GLY B 192 10.61 4.18 28.68
N ASN B 193 10.13 3.67 27.53
CA ASN B 193 9.00 4.31 26.87
C ASN B 193 7.83 4.33 27.86
N THR B 194 7.04 5.42 27.87
CA THR B 194 6.03 5.57 28.91
C THR B 194 4.60 5.41 28.40
N THR B 195 4.41 5.24 27.08
CA THR B 195 3.08 5.38 26.52
C THR B 195 2.47 4.05 26.09
N GLY B 196 3.14 2.93 26.36
CA GLY B 196 2.82 1.69 25.67
C GLY B 196 2.28 0.56 26.56
N ASP B 197 1.87 0.89 27.80
CA ASP B 197 1.45 -0.08 28.81
C ASP B 197 0.20 -0.86 28.39
N ALA B 198 -0.67 -0.29 27.54
CA ALA B 198 -1.89 -0.96 27.16
C ALA B 198 -1.71 -1.69 25.83
N ARG B 199 -0.51 -1.64 25.24
CA ARG B 199 -0.33 -2.20 23.91
C ARG B 199 0.51 -3.49 23.97
N ILE B 200 1.65 -3.52 23.26
CA ILE B 200 2.40 -4.76 23.23
C ILE B 200 2.77 -5.19 24.65
N ARG B 201 3.07 -4.22 25.52
CA ARG B 201 3.49 -4.55 26.88
C ARG B 201 2.45 -5.39 27.61
N ALA B 202 1.16 -5.18 27.29
CA ALA B 202 0.06 -5.81 28.00
C ALA B 202 -0.16 -7.24 27.52
N SER B 203 0.55 -7.65 26.47
CA SER B 203 0.40 -8.96 25.83
C SER B 203 1.45 -9.98 26.32
N VAL B 204 2.40 -9.54 27.15
CA VAL B 204 3.46 -10.46 27.56
C VAL B 204 3.49 -10.52 29.08
N PRO B 205 4.08 -11.58 29.69
CA PRO B 205 4.26 -11.63 31.14
C PRO B 205 5.03 -10.42 31.69
N ALA B 206 4.69 -10.03 32.92
CA ALA B 206 5.23 -8.82 33.53
C ALA B 206 6.75 -8.94 33.76
N ASP B 207 7.32 -10.15 33.71
CA ASP B 207 8.75 -10.28 33.97
C ASP B 207 9.57 -10.29 32.67
N TRP B 208 8.90 -10.29 31.52
CA TRP B 208 9.55 -10.05 30.24
C TRP B 208 9.92 -8.57 30.12
N VAL B 209 11.10 -8.30 29.56
CA VAL B 209 11.53 -6.92 29.41
C VAL B 209 11.14 -6.44 28.01
N VAL B 210 10.55 -5.24 27.96
CA VAL B 210 10.02 -4.71 26.71
C VAL B 210 10.56 -3.29 26.51
N GLY B 211 10.88 -2.95 25.25
CA GLY B 211 11.10 -1.59 24.81
C GLY B 211 10.23 -1.34 23.58
N ASP B 212 9.58 -0.17 23.52
CA ASP B 212 8.56 0.01 22.48
C ASP B 212 8.43 1.49 22.12
N LYS B 213 7.76 1.75 20.98
CA LYS B 213 7.29 3.10 20.70
C LYS B 213 5.88 2.98 20.11
N THR B 214 4.92 3.72 20.67
CA THR B 214 3.54 3.74 20.18
C THR B 214 3.34 4.90 19.21
N GLY B 215 2.22 4.87 18.51
CA GLY B 215 1.75 6.01 17.73
C GLY B 215 0.22 6.02 17.74
N SER B 216 -0.36 7.22 17.99
CA SER B 216 -1.80 7.46 17.98
C SER B 216 -2.11 8.69 17.14
N CYS B 217 -2.80 8.47 16.02
CA CYS B 217 -3.08 9.54 15.07
C CYS B 217 -4.15 10.50 15.60
N GLY B 218 -5.13 9.98 16.37
CA GLY B 218 -6.24 10.80 16.83
C GLY B 218 -7.30 10.94 15.74
N ALA B 219 -7.23 10.08 14.70
CA ALA B 219 -8.18 10.12 13.60
C ALA B 219 -8.28 8.73 12.96
N TYR B 220 -9.49 8.33 12.54
CA TYR B 220 -9.64 7.06 11.86
C TYR B 220 -9.16 5.88 12.71
N GLY B 221 -9.34 5.96 14.03
CA GLY B 221 -8.97 4.91 14.97
C GLY B 221 -7.58 4.35 14.69
N THR B 222 -6.65 5.22 14.22
CA THR B 222 -5.36 4.76 13.74
C THR B 222 -4.36 4.84 14.89
N ALA B 223 -3.75 3.69 15.21
CA ALA B 223 -2.78 3.61 16.29
C ALA B 223 -1.85 2.41 16.05
N ASN B 224 -0.70 2.40 16.72
CA ASN B 224 0.23 1.32 16.46
C ASN B 224 1.20 1.20 17.62
N ASP B 225 2.00 0.13 17.57
CA ASP B 225 3.07 -0.11 18.52
C ASP B 225 4.09 -1.03 17.86
N TYR B 226 5.38 -0.79 18.15
CA TYR B 226 6.41 -1.75 17.80
C TYR B 226 7.31 -1.93 19.01
N ALA B 227 7.87 -3.14 19.17
CA ALA B 227 8.56 -3.53 20.40
C ALA B 227 9.67 -4.53 20.11
N VAL B 228 10.76 -4.42 20.89
CA VAL B 228 11.72 -5.47 21.16
C VAL B 228 11.33 -6.08 22.50
N ILE B 229 11.31 -7.40 22.55
CA ILE B 229 10.90 -8.13 23.74
C ILE B 229 12.00 -9.14 24.07
N TRP B 230 12.49 -9.06 25.31
CA TRP B 230 13.43 -10.03 25.87
C TRP B 230 12.70 -10.96 26.82
N PRO B 231 12.22 -12.14 26.37
CA PRO B 231 11.59 -13.08 27.29
C PRO B 231 12.65 -13.60 28.26
N LYS B 232 12.21 -14.17 29.39
CA LYS B 232 13.05 -14.95 30.29
C LYS B 232 13.74 -16.05 29.49
N ASN B 233 15.07 -16.12 29.61
CA ASN B 233 15.91 -17.19 29.09
C ASN B 233 15.49 -17.59 27.67
N ARG B 234 15.43 -16.61 26.76
CA ARG B 234 15.06 -16.86 25.37
C ARG B 234 15.60 -15.71 24.54
N ALA B 235 15.87 -15.98 23.26
CA ALA B 235 16.32 -14.98 22.30
C ALA B 235 15.23 -13.91 22.13
N PRO B 236 15.61 -12.63 21.87
CA PRO B 236 14.64 -11.54 21.69
C PRO B 236 13.58 -11.79 20.60
N LEU B 237 12.40 -11.16 20.75
CA LEU B 237 11.35 -11.15 19.74
C LEU B 237 11.22 -9.71 19.21
N ILE B 238 10.66 -9.57 18.00
CA ILE B 238 10.28 -8.27 17.47
C ILE B 238 8.81 -8.37 17.07
N VAL B 239 8.01 -7.40 17.52
CA VAL B 239 6.59 -7.33 17.20
C VAL B 239 6.27 -5.92 16.69
N SER B 240 5.48 -5.87 15.62
CA SER B 240 5.07 -4.66 14.94
C SER B 240 3.56 -4.74 14.68
N ILE B 241 2.75 -3.85 15.26
CA ILE B 241 1.31 -3.91 15.11
C ILE B 241 0.79 -2.52 14.70
N TYR B 242 0.12 -2.46 13.53
CA TYR B 242 -0.45 -1.25 12.95
C TYR B 242 -1.95 -1.48 12.74
N THR B 243 -2.78 -0.48 13.06
CA THR B 243 -4.21 -0.57 12.89
C THR B 243 -4.75 0.75 12.34
N THR B 244 -5.83 0.66 11.56
CA THR B 244 -6.68 1.77 11.15
C THR B 244 -8.13 1.31 11.34
N ARG B 245 -9.08 2.24 11.23
CA ARG B 245 -10.51 1.93 11.29
C ARG B 245 -11.24 2.73 10.23
N LYS B 246 -12.49 2.34 9.92
CA LYS B 246 -13.17 2.82 8.73
C LYS B 246 -13.51 4.31 8.85
N SER B 247 -14.03 4.77 9.99
CA SER B 247 -14.60 6.12 10.08
C SER B 247 -13.69 7.10 10.81
N LYS B 248 -13.77 8.37 10.42
CA LYS B 248 -12.92 9.42 10.93
C LYS B 248 -13.02 9.53 12.45
N ASP B 249 -14.21 9.28 13.02
CA ASP B 249 -14.43 9.59 14.43
C ASP B 249 -14.18 8.38 15.34
N ASP B 250 -13.88 7.23 14.72
CA ASP B 250 -13.66 6.01 15.46
C ASP B 250 -12.40 6.21 16.31
N LYS B 251 -12.46 5.71 17.56
CA LYS B 251 -11.33 5.82 18.45
C LYS B 251 -10.45 4.58 18.29
N HIS B 252 -9.14 4.74 18.49
CA HIS B 252 -8.22 3.63 18.41
C HIS B 252 -8.60 2.56 19.45
N SER B 253 -8.12 1.33 19.27
CA SER B 253 -8.43 0.25 20.21
C SER B 253 -7.14 -0.39 20.74
N ASP B 254 -6.78 -0.01 21.97
CA ASP B 254 -5.58 -0.52 22.64
C ASP B 254 -5.68 -2.04 22.77
N LYS B 255 -6.89 -2.53 23.04
CA LYS B 255 -7.11 -3.92 23.33
C LYS B 255 -6.94 -4.76 22.08
N THR B 256 -7.32 -4.22 20.93
CA THR B 256 -7.13 -4.89 19.65
C THR B 256 -5.62 -5.02 19.39
N ILE B 257 -4.85 -3.97 19.68
CA ILE B 257 -3.42 -4.01 19.44
C ILE B 257 -2.80 -5.08 20.35
N ALA B 258 -3.18 -5.08 21.64
CA ALA B 258 -2.64 -6.04 22.58
C ALA B 258 -2.98 -7.48 22.16
N GLU B 259 -4.24 -7.71 21.75
CA GLU B 259 -4.68 -9.01 21.29
C GLU B 259 -3.91 -9.40 20.02
N ALA B 260 -3.81 -8.49 19.06
CA ALA B 260 -3.07 -8.80 17.84
C ALA B 260 -1.65 -9.25 18.19
N SER B 261 -1.05 -8.62 19.20
CA SER B 261 0.28 -8.95 19.69
C SER B 261 0.34 -10.36 20.30
N ARG B 262 -0.63 -10.67 21.19
CA ARG B 262 -0.74 -12.01 21.75
CA ARG B 262 -0.72 -12.01 21.75
C ARG B 262 -0.75 -13.02 20.61
N ILE B 263 -1.58 -12.77 19.58
CA ILE B 263 -1.77 -13.73 18.50
C ILE B 263 -0.46 -13.91 17.74
N ALA B 264 0.19 -12.79 17.40
CA ALA B 264 1.45 -12.77 16.70
C ALA B 264 2.55 -13.53 17.45
N ILE B 265 2.64 -13.34 18.78
CA ILE B 265 3.68 -13.98 19.57
C ILE B 265 3.47 -15.49 19.62
N GLN B 266 2.21 -15.93 19.73
CA GLN B 266 1.91 -17.35 19.65
C GLN B 266 2.28 -17.92 18.28
N ALA B 267 1.99 -17.17 17.21
CA ALA B 267 2.20 -17.61 15.83
C ALA B 267 3.67 -17.99 15.55
N ILE B 268 4.63 -17.29 16.20
CA ILE B 268 6.04 -17.52 15.95
C ILE B 268 6.64 -18.40 17.05
N ASP B 269 5.81 -18.90 17.96
CA ASP B 269 6.24 -19.78 19.03
C ASP B 269 6.52 -21.18 18.45
O1 PG4 C . -2.63 21.74 -17.23
C1 PG4 C . -3.95 21.86 -17.78
C2 PG4 C . -4.12 21.23 -19.15
O2 PG4 C . -5.43 20.65 -19.29
C3 PG4 C . -5.96 20.69 -20.61
C4 PG4 C . -7.38 20.16 -20.65
O3 PG4 C . -8.13 20.76 -21.71
C5 PG4 C . -7.96 20.15 -23.00
C6 PG4 C . -8.97 19.02 -23.27
O4 PG4 C . -8.53 17.79 -22.67
C7 PG4 C . -7.84 16.88 -23.53
C8 PG4 C . -6.35 16.78 -23.17
O5 PG4 C . -6.12 16.76 -21.76
CL CL D . -3.08 11.24 5.92
CL CL E . 9.59 1.32 8.31
CL CL F . 3.93 -27.94 19.63
CL CL G . 22.14 -1.26 15.90
C1 PEG H . 5.11 -24.63 21.80
O1 PEG H . 5.83 -23.60 22.46
C2 PEG H . 3.65 -24.63 22.11
O2 PEG H . 2.92 -24.46 20.87
C3 PEG H . 1.55 -24.84 20.95
C4 PEG H . 1.12 -25.55 19.68
O4 PEG H . 1.71 -25.01 18.53
#